data_6R73
#
_entry.id   6R73
#
_cell.length_a   57.979
_cell.length_b   72.368
_cell.length_c   61.194
_cell.angle_alpha   90.00
_cell.angle_beta   108.47
_cell.angle_gamma   90.00
#
_symmetry.space_group_name_H-M   'P 1 21 1'
#
loop_
_entity.id
_entity.type
_entity.pdbx_description
1 polymer Beta-lactamase
2 non-polymer '(2~{S},3~{R},4~{S})-2-[(2~{S},3~{R})-1,3-bis(oxidanyl)-1-oxidanylidene-butan-2-yl]-4-[(3~{S},5~{S})-5-(dimethylcarbamoy l)pyrrolidin-3-yl]sulfanyl-3-methyl-3,4-dihydro-2~{H}-pyrrole-5-carboxylic acid'
3 non-polymer 'ZINC ION'
4 water water
#
_entity_poly.entity_id   1
_entity_poly.type   'polypeptide(L)'
_entity_poly.pdbx_seq_one_letter_code
;ALPDLKIEKLEEGVFVHTSFEEVNGWGVVTKHGLVVLVNTDAYLIDTPFTATDTEKLVNWFVERGYEIKGTISSHFHSDS
TGGIEWLNSQSIPTYASELTNELLKKSGKVQAKYSFSEVSYWLVKNKIEVFYPGPGHTQDNLVVWLPESKILFGGCFIKP
HGLGNLGDANLEAWPKSAKILMSKYGKAKLVVSSHSEKGDASLMKRTWEQALKGLKESKKTSSPSN
;
_entity_poly.pdbx_strand_id   A,B
#
# COMPACT_ATOMS: atom_id res chain seq x y z
N LEU A 2 3.24 -29.32 15.60
CA LEU A 2 4.33 -30.04 14.95
C LEU A 2 4.16 -30.36 13.45
N PRO A 3 2.95 -30.53 12.92
CA PRO A 3 2.83 -30.82 11.49
C PRO A 3 3.45 -29.73 10.62
N ASP A 4 3.73 -30.08 9.37
CA ASP A 4 4.37 -29.16 8.45
C ASP A 4 3.35 -28.23 7.81
N LEU A 5 3.84 -27.09 7.30
CA LEU A 5 3.02 -26.21 6.48
C LEU A 5 2.45 -26.99 5.31
N LYS A 6 1.14 -26.86 5.09
CA LYS A 6 0.50 -27.46 3.93
C LYS A 6 -0.03 -26.39 2.99
N ILE A 7 -0.05 -26.71 1.70
CA ILE A 7 -0.60 -25.86 0.65
C ILE A 7 -1.45 -26.75 -0.23
N GLU A 8 -2.77 -26.56 -0.20
CA GLU A 8 -3.68 -27.28 -1.07
C GLU A 8 -4.41 -26.31 -2.00
N LYS A 9 -4.69 -26.77 -3.21
CA LYS A 9 -5.42 -25.96 -4.20
C LYS A 9 -6.92 -26.17 -4.01
N LEU A 10 -7.67 -25.06 -3.98
CA LEU A 10 -9.14 -25.11 -3.87
C LEU A 10 -9.77 -25.10 -5.26
N GLU A 11 -9.59 -24.00 -5.98
CA GLU A 11 -10.00 -23.88 -7.37
C GLU A 11 -8.84 -23.23 -8.10
N GLU A 12 -8.99 -23.04 -9.40
CA GLU A 12 -7.97 -22.37 -10.17
C GLU A 12 -7.75 -20.99 -9.59
N GLY A 13 -6.52 -20.70 -9.18
CA GLY A 13 -6.19 -19.40 -8.64
C GLY A 13 -6.28 -19.29 -7.14
N VAL A 14 -6.91 -20.23 -6.45
CA VAL A 14 -7.09 -20.14 -5.01
C VAL A 14 -6.43 -21.33 -4.34
N PHE A 15 -5.59 -21.06 -3.37
CA PHE A 15 -4.88 -22.05 -2.59
C PHE A 15 -5.09 -21.76 -1.11
N VAL A 16 -5.30 -22.79 -0.31
CA VAL A 16 -5.34 -22.65 1.14
C VAL A 16 -3.95 -22.98 1.65
N HIS A 17 -3.41 -22.16 2.53
CA HIS A 17 -2.19 -22.52 3.21
C HIS A 17 -2.55 -22.75 4.65
N THR A 18 -2.01 -23.81 5.22
CA THR A 18 -2.34 -24.22 6.57
C THR A 18 -1.06 -24.36 7.36
N SER A 19 -1.01 -23.72 8.52
CA SER A 19 0.14 -23.77 9.39
C SER A 19 -0.34 -24.08 10.80
N PHE A 20 0.58 -24.53 11.64
CA PHE A 20 0.23 -25.10 12.93
C PHE A 20 1.12 -24.52 14.02
N GLU A 21 0.55 -24.30 15.19
CA GLU A 21 1.28 -23.70 16.30
C GLU A 21 0.58 -24.04 17.61
N GLU A 22 1.36 -24.37 18.63
CA GLU A 22 0.79 -24.60 19.95
C GLU A 22 0.69 -23.28 20.70
N VAL A 23 -0.49 -23.00 21.22
CA VAL A 23 -0.78 -21.79 21.98
C VAL A 23 -1.42 -22.20 23.30
N ASN A 24 -0.93 -21.63 24.40
CA ASN A 24 -1.21 -22.18 25.73
C ASN A 24 -2.70 -22.21 26.04
N GLY A 25 -3.23 -23.41 26.24
CA GLY A 25 -4.63 -23.55 26.61
C GLY A 25 -5.45 -24.18 25.51
N TRP A 26 -5.43 -23.57 24.33
CA TRP A 26 -6.14 -24.09 23.18
C TRP A 26 -5.43 -25.28 22.55
N GLY A 27 -4.26 -25.64 23.05
CA GLY A 27 -3.52 -26.72 22.41
C GLY A 27 -2.91 -26.32 21.07
N VAL A 28 -2.89 -27.29 20.14
CA VAL A 28 -2.42 -27.05 18.78
C VAL A 28 -3.51 -26.33 18.01
N VAL A 29 -3.16 -25.20 17.41
CA VAL A 29 -4.06 -24.44 16.56
C VAL A 29 -3.73 -24.72 15.10
N THR A 30 -4.75 -25.05 14.33
CA THR A 30 -4.66 -25.17 12.88
C THR A 30 -5.17 -23.87 12.27
N LYS A 31 -4.37 -23.22 11.42
CA LYS A 31 -4.70 -21.91 10.87
C LYS A 31 -4.71 -21.93 9.35
N HIS A 32 -5.84 -21.59 8.74
CA HIS A 32 -5.94 -21.52 7.30
C HIS A 32 -5.85 -20.08 6.81
N GLY A 33 -5.11 -19.87 5.73
CA GLY A 33 -5.07 -18.63 4.99
C GLY A 33 -5.23 -18.91 3.51
N LEU A 34 -5.11 -17.89 2.67
CA LEU A 34 -5.24 -18.07 1.23
C LEU A 34 -3.98 -17.56 0.53
N VAL A 35 -3.83 -18.01 -0.71
CA VAL A 35 -2.92 -17.43 -1.69
C VAL A 35 -3.72 -17.31 -2.98
N VAL A 36 -3.86 -16.09 -3.49
CA VAL A 36 -4.70 -15.81 -4.64
C VAL A 36 -3.81 -15.39 -5.80
N LEU A 37 -4.07 -15.97 -6.96
CA LEU A 37 -3.27 -15.72 -8.15
C LEU A 37 -4.14 -14.97 -9.15
N VAL A 38 -3.60 -13.88 -9.68
CA VAL A 38 -4.24 -13.08 -10.71
C VAL A 38 -3.23 -13.01 -11.83
N ASN A 39 -3.38 -13.90 -12.83
CA ASN A 39 -2.35 -14.10 -13.85
C ASN A 39 -1.11 -14.51 -13.06
N THR A 40 0.05 -13.91 -13.30
CA THR A 40 1.27 -14.29 -12.57
C THR A 40 1.44 -13.57 -11.24
N ASP A 41 0.50 -12.72 -10.85
CA ASP A 41 0.58 -12.06 -9.56
C ASP A 41 0.05 -12.97 -8.48
N ALA A 42 0.73 -12.99 -7.33
CA ALA A 42 0.31 -13.77 -6.19
C ALA A 42 0.12 -12.86 -4.98
N TYR A 43 -0.96 -13.10 -4.25
CA TYR A 43 -1.29 -12.30 -3.07
C TYR A 43 -1.55 -13.24 -1.90
N LEU A 44 -0.91 -12.94 -0.76
CA LEU A 44 -1.13 -13.70 0.47
C LEU A 44 -2.25 -13.05 1.28
N ILE A 45 -3.28 -13.83 1.57
CA ILE A 45 -4.37 -13.45 2.46
C ILE A 45 -4.05 -14.08 3.81
N ASP A 46 -3.54 -13.27 4.75
CA ASP A 46 -2.96 -13.68 6.03
C ASP A 46 -1.65 -14.44 5.86
N THR A 47 -0.77 -14.31 6.83
CA THR A 47 0.48 -15.03 6.81
C THR A 47 0.38 -16.26 7.70
N PRO A 48 1.13 -17.32 7.42
CA PRO A 48 1.30 -18.38 8.43
C PRO A 48 1.77 -17.82 9.76
N PHE A 49 1.72 -18.66 10.79
CA PHE A 49 2.13 -18.23 12.12
C PHE A 49 3.53 -17.64 12.13
N THR A 50 4.47 -18.27 11.41
CA THR A 50 5.91 -18.03 11.58
C THR A 50 6.57 -17.53 10.30
N ALA A 51 7.71 -16.85 10.51
CA ALA A 51 8.54 -16.44 9.38
C ALA A 51 8.96 -17.63 8.55
N THR A 52 9.37 -18.73 9.21
CA THR A 52 9.79 -19.92 8.50
C THR A 52 8.73 -20.39 7.51
N ASP A 53 7.52 -20.60 8.00
CA ASP A 53 6.45 -21.06 7.13
C ASP A 53 6.11 -20.00 6.08
N THR A 54 6.12 -18.73 6.48
CA THR A 54 5.91 -17.65 5.52
C THR A 54 6.93 -17.70 4.40
N GLU A 55 8.21 -17.88 4.76
CA GLU A 55 9.24 -18.04 3.74
C GLU A 55 8.99 -19.27 2.86
N LYS A 56 8.64 -20.40 3.48
CA LYS A 56 8.36 -21.61 2.70
C LYS A 56 7.21 -21.40 1.73
N LEU A 57 6.15 -20.74 2.19
CA LEU A 57 5.00 -20.49 1.34
C LEU A 57 5.37 -19.55 0.18
N VAL A 58 6.15 -18.51 0.47
CA VAL A 58 6.55 -17.59 -0.59
C VAL A 58 7.46 -18.30 -1.61
N ASN A 59 8.43 -19.07 -1.12
CA ASN A 59 9.33 -19.80 -2.03
C ASN A 59 8.56 -20.79 -2.89
N TRP A 60 7.53 -21.42 -2.34
CA TRP A 60 6.79 -22.42 -3.11
C TRP A 60 6.15 -21.79 -4.34
N PHE A 61 5.64 -20.57 -4.22
CA PHE A 61 4.97 -19.95 -5.35
C PHE A 61 5.93 -19.22 -6.27
N VAL A 62 7.02 -18.68 -5.74
CA VAL A 62 8.00 -18.05 -6.60
C VAL A 62 8.65 -19.09 -7.50
N GLU A 63 9.02 -20.24 -6.92
CA GLU A 63 9.70 -21.30 -7.66
C GLU A 63 8.85 -21.85 -8.81
N ARG A 64 7.52 -21.70 -8.75
CA ARG A 64 6.65 -22.11 -9.83
C ARG A 64 6.39 -20.99 -10.84
N GLY A 65 7.08 -19.87 -10.70
CA GLY A 65 6.97 -18.78 -11.66
C GLY A 65 6.02 -17.65 -11.29
N TYR A 66 5.69 -17.49 -10.02
CA TYR A 66 4.73 -16.49 -9.57
C TYR A 66 5.43 -15.41 -8.76
N GLU A 67 4.98 -14.17 -8.95
CA GLU A 67 5.53 -13.02 -8.26
C GLU A 67 4.63 -12.69 -7.08
N ILE A 68 5.21 -12.72 -5.88
CA ILE A 68 4.54 -12.27 -4.66
C ILE A 68 4.43 -10.75 -4.73
N LYS A 69 3.20 -10.22 -4.86
CA LYS A 69 3.02 -8.79 -5.07
C LYS A 69 2.57 -8.05 -3.82
N GLY A 70 1.98 -8.74 -2.84
CA GLY A 70 1.58 -8.08 -1.60
C GLY A 70 0.96 -9.10 -0.66
N THR A 71 0.83 -8.70 0.60
CA THR A 71 0.12 -9.49 1.60
C THR A 71 -0.75 -8.56 2.43
N ILE A 72 -1.89 -9.08 2.88
CA ILE A 72 -2.80 -8.36 3.76
C ILE A 72 -3.20 -9.29 4.91
N SER A 73 -3.11 -8.79 6.13
CA SER A 73 -3.56 -9.51 7.30
C SER A 73 -5.00 -9.13 7.63
N SER A 74 -5.84 -10.13 7.90
CA SER A 74 -7.25 -9.87 8.16
C SER A 74 -7.52 -9.33 9.54
N HIS A 75 -6.58 -9.47 10.48
CA HIS A 75 -6.68 -8.86 11.80
C HIS A 75 -5.32 -8.99 12.49
N PHE A 76 -5.18 -8.39 13.67
CA PHE A 76 -3.84 -8.15 14.21
C PHE A 76 -3.23 -9.34 14.95
N HIS A 77 -4.00 -10.35 15.35
CA HIS A 77 -3.44 -11.45 16.12
C HIS A 77 -2.41 -12.22 15.30
N SER A 78 -1.49 -12.89 16.00
CA SER A 78 -0.32 -13.47 15.32
C SER A 78 -0.68 -14.56 14.33
N ASP A 79 -1.84 -15.19 14.46
CA ASP A 79 -2.17 -16.20 13.45
C ASP A 79 -2.42 -15.59 12.08
N SER A 80 -2.56 -14.26 11.99
CA SER A 80 -2.67 -13.54 10.73
C SER A 80 -1.46 -12.68 10.40
N THR A 81 -0.67 -12.29 11.40
CA THR A 81 0.39 -11.33 11.22
C THR A 81 1.78 -11.90 11.43
N GLY A 82 1.90 -13.19 11.69
CA GLY A 82 3.15 -13.72 12.20
C GLY A 82 4.32 -13.50 11.26
N GLY A 83 4.07 -13.56 9.96
CA GLY A 83 5.13 -13.46 8.99
C GLY A 83 5.39 -12.06 8.45
N ILE A 84 4.79 -11.01 9.04
CA ILE A 84 4.87 -9.67 8.45
C ILE A 84 6.31 -9.18 8.45
N GLU A 85 6.96 -9.26 9.61
CA GLU A 85 8.35 -8.86 9.77
C GLU A 85 9.25 -9.48 8.70
N TRP A 86 9.19 -10.80 8.52
CA TRP A 86 10.08 -11.40 7.53
C TRP A 86 9.78 -10.88 6.13
N LEU A 87 8.52 -10.54 5.85
CA LEU A 87 8.18 -10.03 4.53
C LEU A 87 8.70 -8.61 4.35
N ASN A 88 8.69 -7.82 5.42
CA ASN A 88 9.27 -6.47 5.37
C ASN A 88 10.75 -6.52 5.05
N SER A 89 11.50 -7.37 5.78
CA SER A 89 12.90 -7.58 5.52
C SER A 89 13.17 -8.10 4.12
N GLN A 90 12.14 -8.50 3.39
CA GLN A 90 12.30 -8.88 2.00
C GLN A 90 11.70 -7.88 1.03
N SER A 91 11.24 -6.73 1.53
CA SER A 91 10.60 -5.69 0.70
C SER A 91 9.44 -6.27 -0.10
N ILE A 92 8.77 -7.25 0.49
CA ILE A 92 7.49 -7.74 -0.01
C ILE A 92 6.39 -6.90 0.66
N PRO A 93 5.58 -6.17 -0.11
CA PRO A 93 4.63 -5.23 0.51
C PRO A 93 3.63 -5.96 1.41
N THR A 94 3.45 -5.43 2.61
CA THR A 94 2.51 -5.95 3.59
C THR A 94 1.43 -4.89 3.84
N TYR A 95 0.18 -5.33 3.88
CA TYR A 95 -0.94 -4.41 4.03
C TYR A 95 -1.76 -4.80 5.25
N ALA A 96 -2.26 -3.77 5.93
CA ALA A 96 -3.18 -3.91 7.05
C ALA A 96 -3.96 -2.61 7.17
N SER A 97 -5.16 -2.70 7.73
CA SER A 97 -5.89 -1.50 8.01
C SER A 97 -5.13 -0.67 9.03
N GLU A 98 -5.56 0.58 9.16
CA GLU A 98 -4.92 1.48 10.10
C GLU A 98 -5.12 1.02 11.53
N LEU A 99 -6.34 0.58 11.86
CA LEU A 99 -6.64 0.06 13.18
C LEU A 99 -5.78 -1.17 13.52
N THR A 100 -5.68 -2.12 12.58
CA THR A 100 -4.83 -3.30 12.79
C THR A 100 -3.39 -2.91 13.08
N ASN A 101 -2.84 -1.92 12.35
CA ASN A 101 -1.46 -1.48 12.63
C ASN A 101 -1.37 -0.78 13.98
N GLU A 102 -2.42 -0.04 14.37
CA GLU A 102 -2.44 0.54 15.71
C GLU A 102 -2.41 -0.56 16.77
N LEU A 103 -3.24 -1.60 16.59
CA LEU A 103 -3.26 -2.71 17.56
C LEU A 103 -1.96 -3.49 17.53
N LEU A 104 -1.32 -3.62 16.37
CA LEU A 104 0.03 -4.19 16.34
C LEU A 104 1.00 -3.30 17.09
N LYS A 105 0.89 -1.99 16.91
CA LYS A 105 1.67 -1.03 17.68
C LYS A 105 1.42 -1.25 19.17
N LYS A 106 0.21 -0.92 19.63
CA LYS A 106 -0.11 -0.89 21.05
C LYS A 106 0.34 -2.15 21.80
N SER A 107 0.55 -3.25 21.09
CA SER A 107 0.98 -4.48 21.73
C SER A 107 2.38 -4.90 21.29
N GLY A 108 3.17 -3.98 20.73
CA GLY A 108 4.59 -4.20 20.56
C GLY A 108 5.03 -5.08 19.42
N LYS A 109 4.26 -5.17 18.34
CA LYS A 109 4.61 -6.06 17.24
C LYS A 109 4.90 -5.24 15.99
N VAL A 110 5.65 -5.84 15.07
CA VAL A 110 5.96 -5.19 13.80
C VAL A 110 4.67 -4.93 13.04
N GLN A 111 4.57 -3.75 12.42
CA GLN A 111 3.38 -3.36 11.69
C GLN A 111 3.53 -3.69 10.21
N ALA A 112 2.39 -3.79 9.52
CA ALA A 112 2.44 -3.85 8.06
C ALA A 112 2.98 -2.52 7.51
N LYS A 113 3.71 -2.60 6.40
CA LYS A 113 4.29 -1.40 5.80
C LYS A 113 3.21 -0.38 5.45
N TYR A 114 2.07 -0.83 4.95
CA TYR A 114 1.06 0.05 4.38
C TYR A 114 -0.22 -0.03 5.19
N SER A 115 -0.78 1.14 5.53
CA SER A 115 -2.07 1.26 6.20
C SER A 115 -3.14 1.76 5.24
N PHE A 116 -4.36 1.25 5.39
CA PHE A 116 -5.52 1.75 4.68
C PHE A 116 -6.67 1.94 5.67
N SER A 117 -7.73 2.64 5.21
CA SER A 117 -8.85 3.00 6.07
C SER A 117 -10.21 2.77 5.44
N GLU A 118 -10.33 1.88 4.46
CA GLU A 118 -11.62 1.68 3.83
C GLU A 118 -12.54 0.81 4.69
N VAL A 119 -13.81 0.78 4.31
CA VAL A 119 -14.73 -0.23 4.79
C VAL A 119 -15.11 -1.20 3.69
N SER A 120 -15.02 -0.80 2.44
CA SER A 120 -15.09 -1.74 1.32
C SER A 120 -14.33 -1.13 0.17
N TYR A 121 -13.49 -1.92 -0.48
CA TYR A 121 -12.71 -1.44 -1.61
C TYR A 121 -12.08 -2.62 -2.32
N TRP A 122 -11.58 -2.35 -3.53
CA TRP A 122 -10.91 -3.36 -4.34
C TRP A 122 -9.43 -3.35 -4.00
N LEU A 123 -8.95 -4.43 -3.41
CA LEU A 123 -7.51 -4.62 -3.30
C LEU A 123 -6.90 -4.81 -4.69
N VAL A 124 -7.56 -5.63 -5.51
CA VAL A 124 -7.32 -5.77 -6.93
C VAL A 124 -8.67 -5.64 -7.62
N LYS A 125 -8.80 -4.68 -8.53
CA LYS A 125 -10.08 -4.31 -9.10
C LYS A 125 -10.82 -5.51 -9.70
N ASN A 126 -12.05 -5.73 -9.24
CA ASN A 126 -12.94 -6.77 -9.73
C ASN A 126 -12.44 -8.18 -9.45
N LYS A 127 -11.38 -8.31 -8.66
CA LYS A 127 -10.75 -9.60 -8.40
C LYS A 127 -10.75 -9.97 -6.92
N ILE A 128 -10.45 -9.01 -6.04
CA ILE A 128 -10.28 -9.25 -4.62
C ILE A 128 -10.86 -8.03 -3.91
N GLU A 129 -11.91 -8.23 -3.15
CA GLU A 129 -12.52 -7.14 -2.39
C GLU A 129 -12.21 -7.34 -0.91
N VAL A 130 -12.01 -6.24 -0.21
CA VAL A 130 -11.81 -6.22 1.23
C VAL A 130 -13.02 -5.54 1.87
N PHE A 131 -13.53 -6.11 2.96
CA PHE A 131 -14.77 -5.65 3.57
C PHE A 131 -14.68 -5.76 5.08
N TYR A 132 -15.14 -4.73 5.77
CA TYR A 132 -15.18 -4.69 7.22
C TYR A 132 -16.65 -4.80 7.63
N PRO A 133 -17.09 -5.90 8.23
CA PRO A 133 -18.50 -5.99 8.65
C PRO A 133 -18.78 -5.39 10.01
N GLY A 134 -17.75 -4.99 10.77
CA GLY A 134 -17.91 -4.62 12.15
C GLY A 134 -17.10 -5.49 13.08
N PRO A 135 -17.02 -5.09 14.34
CA PRO A 135 -16.27 -5.88 15.32
C PRO A 135 -16.91 -7.23 15.57
N GLY A 136 -16.06 -8.22 15.84
CA GLY A 136 -16.53 -9.56 16.20
C GLY A 136 -15.52 -10.26 17.06
N HIS A 137 -14.81 -11.23 16.47
CA HIS A 137 -13.63 -11.81 17.11
C HIS A 137 -12.64 -10.74 17.55
N THR A 138 -12.51 -9.66 16.78
CA THR A 138 -11.75 -8.47 17.19
C THR A 138 -12.39 -7.24 16.59
N GLN A 139 -11.97 -6.08 17.13
CA GLN A 139 -12.49 -4.80 16.68
C GLN A 139 -12.09 -4.47 15.25
N ASP A 140 -11.03 -5.12 14.74
CA ASP A 140 -10.51 -4.81 13.42
C ASP A 140 -10.74 -5.91 12.38
N ASN A 141 -11.43 -7.01 12.71
CA ASN A 141 -11.41 -8.13 11.79
C ASN A 141 -12.09 -7.78 10.46
N LEU A 142 -11.48 -8.20 9.36
CA LEU A 142 -12.08 -7.98 8.06
C LEU A 142 -12.05 -9.28 7.28
N VAL A 143 -12.70 -9.25 6.13
CA VAL A 143 -12.88 -10.42 5.27
C VAL A 143 -12.44 -10.04 3.86
N VAL A 144 -12.26 -11.05 3.03
CA VAL A 144 -11.80 -10.86 1.66
C VAL A 144 -12.69 -11.67 0.75
N TRP A 145 -13.04 -11.09 -0.39
CA TRP A 145 -14.07 -11.64 -1.26
C TRP A 145 -13.51 -11.77 -2.68
N LEU A 146 -13.67 -12.96 -3.27
CA LEU A 146 -13.27 -13.22 -4.65
C LEU A 146 -14.51 -13.32 -5.52
N PRO A 147 -14.98 -12.21 -6.09
CA PRO A 147 -16.23 -12.23 -6.86
C PRO A 147 -16.26 -13.24 -8.00
N GLU A 148 -15.12 -13.59 -8.59
CA GLU A 148 -15.16 -14.45 -9.76
C GLU A 148 -15.33 -15.92 -9.37
N SER A 149 -14.90 -16.31 -8.18
CA SER A 149 -15.16 -17.65 -7.69
C SER A 149 -16.18 -17.69 -6.56
N LYS A 150 -16.71 -16.53 -6.17
CA LYS A 150 -17.70 -16.43 -5.10
C LYS A 150 -17.23 -17.18 -3.86
N ILE A 151 -15.94 -17.08 -3.60
CA ILE A 151 -15.31 -17.59 -2.39
C ILE A 151 -15.10 -16.42 -1.44
N LEU A 152 -15.30 -16.66 -0.14
CA LEU A 152 -15.13 -15.65 0.89
C LEU A 152 -14.16 -16.16 1.95
N PHE A 153 -13.14 -15.38 2.26
CA PHE A 153 -12.26 -15.67 3.39
C PHE A 153 -12.73 -14.88 4.60
N GLY A 154 -13.21 -15.58 5.63
CA GLY A 154 -13.78 -14.92 6.80
C GLY A 154 -12.83 -14.78 7.99
N GLY A 155 -11.65 -15.39 7.91
CA GLY A 155 -10.70 -15.27 9.01
C GLY A 155 -11.20 -15.88 10.31
N CYS A 156 -10.89 -15.21 11.41
CA CYS A 156 -11.31 -15.62 12.73
C CYS A 156 -12.69 -15.10 13.09
N PHE A 157 -13.36 -14.45 12.14
CA PHE A 157 -14.70 -13.97 12.36
C PHE A 157 -15.72 -15.08 12.14
N ILE A 158 -15.38 -16.06 11.31
CA ILE A 158 -16.27 -17.16 11.00
C ILE A 158 -16.04 -18.26 12.03
N LYS A 159 -17.02 -18.45 12.91
CA LYS A 159 -16.90 -19.37 14.05
C LYS A 159 -18.17 -20.24 14.10
N PRO A 160 -18.28 -21.24 13.23
CA PRO A 160 -19.53 -22.01 13.16
C PRO A 160 -19.73 -22.97 14.33
N HIS A 161 -18.74 -23.13 15.24
CA HIS A 161 -18.86 -24.14 16.27
C HIS A 161 -18.37 -23.66 17.63
N GLY A 162 -18.36 -22.37 17.90
CA GLY A 162 -17.84 -21.85 19.15
C GLY A 162 -16.96 -20.69 18.75
N LEU A 163 -16.90 -19.67 19.62
CA LEU A 163 -16.33 -18.38 19.21
C LEU A 163 -14.82 -18.31 19.36
N GLY A 164 -14.22 -19.20 20.13
CA GLY A 164 -12.77 -19.20 20.28
C GLY A 164 -12.27 -18.24 21.35
N ASN A 165 -11.10 -17.66 21.09
CA ASN A 165 -10.48 -16.71 22.00
C ASN A 165 -11.31 -15.44 22.09
N LEU A 166 -11.83 -15.15 23.28
CA LEU A 166 -12.67 -13.99 23.48
C LEU A 166 -11.92 -12.76 23.98
N GLY A 167 -10.60 -12.85 24.14
CA GLY A 167 -9.87 -11.84 24.89
C GLY A 167 -9.98 -10.45 24.31
N ASP A 168 -9.98 -10.36 22.98
CA ASP A 168 -10.09 -9.08 22.29
C ASP A 168 -11.39 -8.96 21.49
N ALA A 169 -12.37 -9.80 21.81
CA ALA A 169 -13.61 -9.87 21.06
C ALA A 169 -14.62 -8.85 21.55
N ASN A 170 -15.63 -8.61 20.72
CA ASN A 170 -16.70 -7.66 21.00
C ASN A 170 -18.01 -8.42 20.88
N LEU A 171 -18.54 -8.88 22.02
CA LEU A 171 -19.70 -9.77 21.97
C LEU A 171 -20.97 -9.01 21.60
N GLU A 172 -21.09 -7.77 22.04
CA GLU A 172 -22.30 -7.00 21.75
C GLU A 172 -22.46 -6.78 20.25
N ALA A 173 -21.35 -6.56 19.55
CA ALA A 173 -21.43 -6.19 18.14
C ALA A 173 -21.42 -7.38 17.21
N TRP A 174 -20.81 -8.49 17.64
CA TRP A 174 -20.58 -9.63 16.76
C TRP A 174 -21.84 -10.14 16.07
N PRO A 175 -23.01 -10.22 16.73
CA PRO A 175 -24.20 -10.66 15.99
C PRO A 175 -24.59 -9.71 14.87
N LYS A 176 -24.56 -8.40 15.15
CA LYS A 176 -24.89 -7.42 14.12
C LYS A 176 -23.88 -7.50 12.99
N SER A 177 -22.59 -7.57 13.32
CA SER A 177 -21.57 -7.73 12.28
C SER A 177 -21.83 -8.99 11.45
N ALA A 178 -22.21 -10.10 12.13
CA ALA A 178 -22.46 -11.33 11.39
C ALA A 178 -23.69 -11.19 10.50
N LYS A 179 -24.68 -10.40 10.94
CA LYS A 179 -25.85 -10.17 10.09
C LYS A 179 -25.47 -9.38 8.86
N ILE A 180 -24.71 -8.29 9.04
CA ILE A 180 -24.23 -7.51 7.90
C ILE A 180 -23.43 -8.39 6.94
N LEU A 181 -22.54 -9.23 7.48
CA LEU A 181 -21.77 -10.13 6.61
C LEU A 181 -22.69 -11.06 5.83
N MET A 182 -23.74 -11.61 6.50
CA MET A 182 -24.67 -12.53 5.84
C MET A 182 -25.41 -11.85 4.69
N SER A 183 -25.78 -10.59 4.85
CA SER A 183 -26.48 -9.88 3.79
C SER A 183 -25.56 -9.55 2.63
N LYS A 184 -24.35 -9.09 2.93
CA LYS A 184 -23.41 -8.78 1.85
C LYS A 184 -23.12 -10.02 1.01
N TYR A 185 -22.77 -11.12 1.65
CA TYR A 185 -22.20 -12.26 0.94
C TYR A 185 -23.10 -13.48 0.94
N GLY A 186 -24.41 -13.26 1.04
CA GLY A 186 -25.36 -14.36 0.94
C GLY A 186 -25.21 -15.20 -0.31
N LYS A 187 -24.61 -14.65 -1.36
CA LYS A 187 -24.41 -15.35 -2.62
C LYS A 187 -23.11 -16.15 -2.66
N ALA A 188 -22.35 -16.22 -1.57
CA ALA A 188 -21.12 -16.98 -1.52
C ALA A 188 -21.35 -18.46 -1.83
N LYS A 189 -20.40 -19.07 -2.53
CA LYS A 189 -20.41 -20.52 -2.78
C LYS A 189 -19.44 -21.29 -1.89
N LEU A 190 -18.53 -20.61 -1.21
CA LEU A 190 -17.53 -21.27 -0.39
C LEU A 190 -17.06 -20.25 0.65
N VAL A 191 -16.94 -20.70 1.89
CA VAL A 191 -16.52 -19.85 2.99
C VAL A 191 -15.34 -20.54 3.68
N VAL A 192 -14.17 -19.96 3.54
CA VAL A 192 -12.99 -20.43 4.26
C VAL A 192 -12.86 -19.60 5.54
N SER A 193 -12.56 -20.25 6.64
CA SER A 193 -12.36 -19.61 7.93
C SER A 193 -10.95 -19.92 8.42
N SER A 194 -10.58 -19.27 9.51
CA SER A 194 -9.26 -19.51 10.09
C SER A 194 -9.11 -20.94 10.58
N HIS A 195 -10.14 -21.46 11.27
CA HIS A 195 -9.95 -22.69 12.04
C HIS A 195 -11.03 -23.75 11.86
N SER A 196 -11.94 -23.58 10.90
CA SER A 196 -12.97 -24.59 10.67
CA SER A 196 -12.98 -24.58 10.67
C SER A 196 -12.91 -25.07 9.24
N GLU A 197 -13.51 -26.22 8.99
CA GLU A 197 -13.51 -26.78 7.64
C GLU A 197 -14.24 -25.83 6.70
N LYS A 198 -13.80 -25.81 5.45
CA LYS A 198 -14.49 -25.01 4.45
C LYS A 198 -15.94 -25.48 4.34
N GLY A 199 -16.83 -24.53 4.06
CA GLY A 199 -18.25 -24.84 4.00
C GLY A 199 -18.98 -23.90 3.05
N ASP A 200 -20.31 -23.95 3.05
CA ASP A 200 -21.11 -23.10 2.19
C ASP A 200 -21.53 -21.84 2.95
N ALA A 201 -22.46 -21.08 2.37
CA ALA A 201 -22.86 -19.81 2.96
C ALA A 201 -23.46 -19.96 4.37
N SER A 202 -23.97 -21.15 4.73
CA SER A 202 -24.61 -21.30 6.04
C SER A 202 -23.61 -21.18 7.20
N LEU A 203 -22.32 -21.32 6.93
CA LEU A 203 -21.32 -21.04 7.96
C LEU A 203 -21.51 -19.65 8.53
N MET A 204 -21.99 -18.72 7.70
CA MET A 204 -22.27 -17.36 8.16
C MET A 204 -23.49 -17.34 9.08
N LYS A 205 -24.51 -18.15 8.78
CA LYS A 205 -25.64 -18.23 9.71
C LYS A 205 -25.21 -18.86 11.01
N ARG A 206 -24.46 -19.97 10.95
CA ARG A 206 -23.97 -20.62 12.16
C ARG A 206 -23.17 -19.64 13.02
N THR A 207 -22.34 -18.82 12.37
CA THR A 207 -21.53 -17.83 13.09
C THR A 207 -22.43 -16.86 13.84
N TRP A 208 -23.46 -16.34 13.18
CA TRP A 208 -24.43 -15.47 13.84
C TRP A 208 -25.04 -16.16 15.06
N GLU A 209 -25.45 -17.43 14.91
CA GLU A 209 -25.99 -18.18 16.05
C GLU A 209 -25.00 -18.26 17.20
N GLN A 210 -23.73 -18.59 16.89
CA GLN A 210 -22.73 -18.71 17.94
C GLN A 210 -22.41 -17.33 18.53
N ALA A 211 -22.42 -16.29 17.70
CA ALA A 211 -22.24 -14.96 18.24
C ALA A 211 -23.36 -14.62 19.20
N LEU A 212 -24.59 -14.94 18.82
CA LEU A 212 -25.74 -14.68 19.69
C LEU A 212 -25.66 -15.48 20.98
N LYS A 213 -25.41 -16.79 20.87
CA LYS A 213 -25.30 -17.63 22.06
C LYS A 213 -24.25 -17.10 23.03
N GLY A 214 -23.12 -16.61 22.51
CA GLY A 214 -22.03 -16.15 23.35
C GLY A 214 -22.26 -14.81 24.00
N LEU A 215 -22.97 -13.90 23.31
CA LEU A 215 -23.44 -12.70 23.97
C LEU A 215 -24.29 -13.05 25.19
N LYS A 216 -25.29 -13.92 25.00
CA LYS A 216 -26.19 -14.30 26.08
C LYS A 216 -25.46 -14.96 27.23
N GLU A 217 -24.29 -15.55 26.96
CA GLU A 217 -23.41 -16.23 27.92
C GLU A 217 -23.92 -17.64 28.16
N LEU B 2 -3.28 26.79 -22.48
CA LEU B 2 -2.36 25.93 -21.75
C LEU B 2 -1.94 24.72 -22.57
N PRO B 3 -0.64 24.47 -22.66
CA PRO B 3 -0.14 23.31 -23.42
C PRO B 3 -0.72 21.99 -22.92
N ASP B 4 -0.79 21.03 -23.83
CA ASP B 4 -1.29 19.72 -23.49
C ASP B 4 -0.27 18.94 -22.66
N LEU B 5 -0.78 17.96 -21.92
CA LEU B 5 0.08 17.04 -21.18
C LEU B 5 1.11 16.44 -22.12
N LYS B 6 2.36 16.35 -21.65
CA LYS B 6 3.46 15.83 -22.46
C LYS B 6 4.04 14.60 -21.79
N ILE B 7 4.36 13.59 -22.60
CA ILE B 7 5.02 12.39 -22.14
C ILE B 7 6.27 12.17 -22.98
N GLU B 8 7.45 12.22 -22.35
CA GLU B 8 8.73 12.01 -23.03
C GLU B 8 9.52 10.89 -22.35
N LYS B 9 10.30 10.18 -23.16
CA LYS B 9 11.15 9.07 -22.69
C LYS B 9 12.51 9.57 -22.25
N LEU B 10 13.04 9.01 -21.16
CA LEU B 10 14.41 9.32 -20.77
C LEU B 10 15.33 8.16 -21.10
N GLU B 11 15.10 7.01 -20.47
CA GLU B 11 15.83 5.76 -20.69
C GLU B 11 14.81 4.66 -20.96
N GLU B 12 15.27 3.42 -21.07
CA GLU B 12 14.34 2.30 -21.04
C GLU B 12 13.52 2.35 -19.76
N GLY B 13 12.20 2.21 -19.88
CA GLY B 13 11.37 2.07 -18.71
C GLY B 13 11.31 3.28 -17.80
N VAL B 14 11.72 4.47 -18.28
CA VAL B 14 11.69 5.71 -17.51
C VAL B 14 11.17 6.83 -18.41
N PHE B 15 10.02 7.38 -18.07
CA PHE B 15 9.40 8.45 -18.84
C PHE B 15 9.22 9.66 -17.95
N VAL B 16 9.21 10.84 -18.56
CA VAL B 16 8.81 12.07 -17.89
C VAL B 16 7.42 12.45 -18.40
N HIS B 17 6.51 12.76 -17.48
CA HIS B 17 5.24 13.39 -17.84
C HIS B 17 5.25 14.83 -17.36
N THR B 18 4.79 15.75 -18.23
CA THR B 18 4.79 17.18 -17.98
C THR B 18 3.40 17.76 -18.14
N SER B 19 2.94 18.48 -17.13
CA SER B 19 1.62 19.08 -17.18
C SER B 19 1.72 20.53 -16.75
N PHE B 20 0.74 21.34 -17.15
CA PHE B 20 0.83 22.78 -16.98
C PHE B 20 -0.47 23.34 -16.39
N GLU B 21 -0.34 24.09 -15.30
CA GLU B 21 -1.47 24.75 -14.66
C GLU B 21 -1.12 26.21 -14.35
N GLU B 22 -2.11 27.09 -14.49
CA GLU B 22 -1.96 28.49 -14.07
C GLU B 22 -2.26 28.61 -12.59
N VAL B 23 -1.27 29.04 -11.81
CA VAL B 23 -1.40 29.28 -10.38
C VAL B 23 -1.16 30.75 -10.12
N ASN B 24 -2.07 31.40 -9.40
CA ASN B 24 -2.05 32.86 -9.25
C ASN B 24 -0.80 33.29 -8.52
N GLY B 25 -0.02 34.17 -9.15
CA GLY B 25 1.23 34.61 -8.59
C GLY B 25 2.43 34.20 -9.42
N TRP B 26 2.47 32.93 -9.81
CA TRP B 26 3.57 32.35 -10.57
C TRP B 26 3.25 32.17 -12.04
N GLY B 27 2.08 32.61 -12.50
CA GLY B 27 1.81 32.37 -13.89
C GLY B 27 1.59 30.89 -14.18
N VAL B 28 2.04 30.46 -15.37
CA VAL B 28 1.93 29.07 -15.77
C VAL B 28 3.06 28.29 -15.15
N VAL B 29 2.73 27.26 -14.38
CA VAL B 29 3.71 26.37 -13.76
C VAL B 29 3.86 25.14 -14.62
N THR B 30 5.12 24.75 -14.86
CA THR B 30 5.46 23.51 -15.53
C THR B 30 5.87 22.49 -14.48
N LYS B 31 5.21 21.33 -14.49
CA LYS B 31 5.41 20.28 -13.49
C LYS B 31 5.80 18.99 -14.18
N HIS B 32 6.98 18.48 -13.83
CA HIS B 32 7.43 17.17 -14.30
C HIS B 32 7.22 16.11 -13.22
N GLY B 33 6.79 14.92 -13.66
CA GLY B 33 6.89 13.72 -12.85
C GLY B 33 7.41 12.55 -13.67
N LEU B 34 7.41 11.34 -13.11
CA LEU B 34 7.94 10.17 -13.82
C LEU B 34 6.88 9.11 -14.02
N VAL B 35 7.10 8.29 -15.05
CA VAL B 35 6.49 6.97 -15.13
C VAL B 35 7.61 5.97 -15.23
N VAL B 36 7.61 5.00 -14.33
CA VAL B 36 8.62 3.96 -14.25
C VAL B 36 8.00 2.63 -14.65
N LEU B 37 8.61 1.98 -15.61
CA LEU B 37 8.15 0.70 -16.09
C LEU B 37 9.03 -0.40 -15.52
N VAL B 38 8.41 -1.34 -14.82
CA VAL B 38 9.05 -2.59 -14.39
C VAL B 38 8.23 -3.73 -14.99
N ASN B 39 8.84 -4.45 -15.94
CA ASN B 39 8.16 -5.50 -16.69
C ASN B 39 6.86 -4.97 -17.28
N THR B 40 5.70 -5.53 -16.93
CA THR B 40 4.45 -5.00 -17.45
C THR B 40 3.74 -4.08 -16.45
N ASP B 41 4.43 -3.61 -15.42
CA ASP B 41 3.87 -2.72 -14.42
C ASP B 41 4.38 -1.30 -14.66
N ALA B 42 3.48 -0.32 -14.54
CA ALA B 42 3.84 1.09 -14.61
C ALA B 42 3.55 1.75 -13.28
N TYR B 43 4.51 2.55 -12.80
CA TYR B 43 4.38 3.30 -11.57
C TYR B 43 4.46 4.79 -11.86
N LEU B 44 3.46 5.55 -11.38
CA LEU B 44 3.43 6.99 -11.57
C LEU B 44 4.17 7.66 -10.42
N ILE B 45 5.17 8.46 -10.75
CA ILE B 45 5.90 9.23 -9.74
C ILE B 45 5.36 10.65 -9.83
N ASP B 46 4.56 11.03 -8.81
CA ASP B 46 3.68 12.19 -8.76
C ASP B 46 2.60 12.14 -9.83
N THR B 47 1.51 12.76 -9.58
CA THR B 47 0.42 12.86 -10.55
C THR B 47 0.39 14.24 -11.20
N PRO B 48 -0.14 14.35 -12.42
CA PRO B 48 -0.35 15.68 -13.02
C PRO B 48 -1.27 16.53 -12.16
N PHE B 49 -1.40 17.80 -12.57
CA PHE B 49 -2.20 18.77 -11.83
C PHE B 49 -3.65 18.32 -11.67
N THR B 50 -4.27 17.86 -12.75
CA THR B 50 -5.71 17.65 -12.82
C THR B 50 -6.08 16.19 -13.06
N ALA B 51 -7.32 15.86 -12.70
CA ALA B 51 -7.85 14.52 -12.96
C ALA B 51 -7.84 14.19 -14.45
N THR B 52 -8.03 15.22 -15.29
CA THR B 52 -8.09 15.02 -16.73
C THR B 52 -6.74 14.61 -17.31
N ASP B 53 -5.66 15.23 -16.84
CA ASP B 53 -4.32 14.86 -17.31
C ASP B 53 -3.91 13.50 -16.78
N THR B 54 -4.30 13.17 -15.54
CA THR B 54 -4.03 11.84 -15.01
C THR B 54 -4.73 10.78 -15.84
N GLU B 55 -5.98 11.03 -16.22
CA GLU B 55 -6.68 10.09 -17.08
C GLU B 55 -5.91 9.87 -18.38
N LYS B 56 -5.48 10.96 -19.01
CA LYS B 56 -4.72 10.85 -20.26
C LYS B 56 -3.40 10.11 -20.05
N LEU B 57 -2.69 10.45 -18.97
CA LEU B 57 -1.43 9.80 -18.66
C LEU B 57 -1.62 8.29 -18.50
N VAL B 58 -2.57 7.88 -17.66
CA VAL B 58 -2.84 6.47 -17.41
C VAL B 58 -3.23 5.76 -18.70
N ASN B 59 -4.12 6.37 -19.49
CA ASN B 59 -4.59 5.70 -20.70
C ASN B 59 -3.45 5.49 -21.69
N TRP B 60 -2.54 6.47 -21.82
CA TRP B 60 -1.43 6.32 -22.76
C TRP B 60 -0.65 5.05 -22.50
N PHE B 61 -0.48 4.70 -21.24
CA PHE B 61 0.28 3.50 -20.96
C PHE B 61 -0.58 2.25 -21.04
N VAL B 62 -1.83 2.34 -20.58
CA VAL B 62 -2.73 1.19 -20.61
C VAL B 62 -2.92 0.74 -22.05
N GLU B 63 -3.08 1.68 -22.96
CA GLU B 63 -3.22 1.32 -24.36
C GLU B 63 -1.92 0.85 -24.98
N ARG B 64 -0.81 0.87 -24.24
CA ARG B 64 0.42 0.23 -24.67
C ARG B 64 0.73 -1.05 -23.88
N GLY B 65 -0.23 -1.55 -23.10
CA GLY B 65 -0.13 -2.88 -22.50
C GLY B 65 0.17 -2.93 -21.02
N TYR B 66 0.29 -1.80 -20.35
CA TYR B 66 0.72 -1.78 -18.95
C TYR B 66 -0.49 -1.72 -18.02
N GLU B 67 -0.27 -2.24 -16.82
CA GLU B 67 -1.18 -2.09 -15.70
C GLU B 67 -0.59 -0.99 -14.82
N ILE B 68 -1.43 -0.05 -14.40
CA ILE B 68 -0.95 0.96 -13.45
C ILE B 68 -0.98 0.29 -12.08
N LYS B 69 0.18 -0.09 -11.59
CA LYS B 69 0.22 -0.84 -10.34
C LYS B 69 0.34 0.04 -9.12
N GLY B 70 0.61 1.32 -9.28
CA GLY B 70 0.72 2.18 -8.13
C GLY B 70 1.05 3.60 -8.55
N THR B 71 0.73 4.52 -7.66
CA THR B 71 1.16 5.90 -7.76
C THR B 71 1.62 6.33 -6.38
N ILE B 72 2.73 7.06 -6.33
CA ILE B 72 3.18 7.66 -5.08
C ILE B 72 3.33 9.15 -5.31
N SER B 73 3.05 9.93 -4.26
CA SER B 73 3.12 11.39 -4.31
C SER B 73 4.30 11.86 -3.48
N SER B 74 5.13 12.76 -4.06
CA SER B 74 6.35 13.15 -3.40
C SER B 74 6.13 14.18 -2.30
N HIS B 75 4.94 14.80 -2.26
CA HIS B 75 4.52 15.62 -1.14
C HIS B 75 3.09 16.06 -1.37
N PHE B 76 2.54 16.86 -0.45
CA PHE B 76 1.10 17.04 -0.40
C PHE B 76 0.56 18.15 -1.32
N HIS B 77 1.40 18.99 -1.94
CA HIS B 77 0.82 20.06 -2.75
C HIS B 77 0.22 19.50 -4.04
N SER B 78 -0.50 20.36 -4.76
CA SER B 78 -1.37 19.86 -5.80
C SER B 78 -0.60 19.37 -7.01
N ASP B 79 0.61 19.91 -7.25
CA ASP B 79 1.33 19.46 -8.45
C ASP B 79 1.89 18.05 -8.29
N SER B 80 1.77 17.43 -7.11
CA SER B 80 2.07 16.02 -6.92
C SER B 80 0.86 15.14 -6.63
N THR B 81 -0.27 15.71 -6.17
CA THR B 81 -1.39 14.96 -5.65
C THR B 81 -2.69 15.14 -6.42
N GLY B 82 -2.72 16.02 -7.42
CA GLY B 82 -3.98 16.44 -8.01
C GLY B 82 -4.80 15.35 -8.65
N GLY B 83 -4.18 14.25 -9.04
CA GLY B 83 -4.91 13.17 -9.66
C GLY B 83 -5.36 12.08 -8.72
N ILE B 84 -5.02 12.19 -7.43
CA ILE B 84 -5.25 11.11 -6.47
C ILE B 84 -6.71 10.70 -6.45
N GLU B 85 -7.62 11.69 -6.40
CA GLU B 85 -9.05 11.39 -6.27
C GLU B 85 -9.57 10.64 -7.48
N TRP B 86 -9.13 11.00 -8.68
CA TRP B 86 -9.56 10.23 -9.85
C TRP B 86 -8.99 8.81 -9.81
N LEU B 87 -7.76 8.66 -9.31
CA LEU B 87 -7.15 7.33 -9.28
C LEU B 87 -7.91 6.43 -8.31
N ASN B 88 -8.30 6.97 -7.16
CA ASN B 88 -9.09 6.21 -6.18
C ASN B 88 -10.40 5.74 -6.80
N SER B 89 -11.14 6.65 -7.43
CA SER B 89 -12.37 6.28 -8.12
C SER B 89 -12.15 5.18 -9.13
N GLN B 90 -10.91 4.95 -9.54
CA GLN B 90 -10.59 3.94 -10.53
C GLN B 90 -10.00 2.68 -9.92
N SER B 91 -9.87 2.63 -8.60
CA SER B 91 -9.24 1.53 -7.87
C SER B 91 -7.76 1.36 -8.22
N ILE B 92 -7.10 2.42 -8.70
CA ILE B 92 -5.66 2.40 -8.91
C ILE B 92 -4.98 2.78 -7.60
N PRO B 93 -4.13 1.92 -7.04
CA PRO B 93 -3.56 2.21 -5.72
C PRO B 93 -2.79 3.52 -5.71
N THR B 94 -3.07 4.36 -4.72
CA THR B 94 -2.34 5.59 -4.46
C THR B 94 -1.60 5.49 -3.13
N TYR B 95 -0.39 6.06 -3.08
CA TYR B 95 0.47 5.96 -1.92
C TYR B 95 1.00 7.34 -1.53
N ALA B 96 1.19 7.54 -0.23
CA ALA B 96 1.86 8.71 0.30
C ALA B 96 2.27 8.41 1.73
N SER B 97 3.20 9.21 2.25
CA SER B 97 3.57 9.06 3.64
C SER B 97 2.37 9.40 4.53
N GLU B 98 2.45 8.96 5.79
CA GLU B 98 1.38 9.32 6.73
C GLU B 98 1.30 10.84 6.91
N LEU B 99 2.46 11.53 6.94
CA LEU B 99 2.44 12.98 7.08
C LEU B 99 1.77 13.65 5.90
N THR B 100 2.12 13.25 4.68
CA THR B 100 1.50 13.81 3.49
C THR B 100 -0.02 13.70 3.56
N ASN B 101 -0.52 12.51 3.91
CA ASN B 101 -1.96 12.28 3.99
C ASN B 101 -2.61 13.12 5.08
N GLU B 102 -1.93 13.25 6.24
CA GLU B 102 -2.38 14.17 7.29
C GLU B 102 -2.44 15.61 6.78
N LEU B 103 -1.45 16.03 5.97
CA LEU B 103 -1.48 17.40 5.45
C LEU B 103 -2.49 17.55 4.33
N LEU B 104 -2.69 16.50 3.52
CA LEU B 104 -3.83 16.51 2.60
C LEU B 104 -5.14 16.63 3.38
N LYS B 105 -5.20 16.00 4.55
CA LYS B 105 -6.39 16.10 5.37
C LYS B 105 -6.58 17.53 5.90
N LYS B 106 -5.56 18.05 6.58
CA LYS B 106 -5.66 19.41 7.12
C LYS B 106 -5.98 20.43 6.03
N SER B 107 -5.62 20.16 4.78
CA SER B 107 -5.92 21.03 3.66
C SER B 107 -7.27 20.73 3.05
N GLY B 108 -8.04 19.80 3.62
CA GLY B 108 -9.34 19.46 3.08
C GLY B 108 -9.32 18.73 1.76
N LYS B 109 -8.26 17.97 1.47
CA LYS B 109 -8.10 17.30 0.19
C LYS B 109 -8.23 15.78 0.35
N VAL B 110 -8.48 15.12 -0.78
CA VAL B 110 -8.57 13.66 -0.80
C VAL B 110 -7.21 13.05 -0.48
N GLN B 111 -7.20 12.06 0.41
CA GLN B 111 -5.95 11.40 0.76
C GLN B 111 -5.66 10.23 -0.16
N ALA B 112 -4.38 9.84 -0.18
CA ALA B 112 -4.02 8.59 -0.82
C ALA B 112 -4.57 7.41 -0.01
N LYS B 113 -4.93 6.34 -0.73
CA LYS B 113 -5.57 5.18 -0.09
C LYS B 113 -4.64 4.51 0.93
N TYR B 114 -3.42 4.15 0.51
CA TYR B 114 -2.43 3.52 1.37
C TYR B 114 -1.42 4.55 1.88
N SER B 115 -0.99 4.39 3.13
CA SER B 115 0.04 5.28 3.65
C SER B 115 1.11 4.49 4.39
N PHE B 116 2.31 5.08 4.42
CA PHE B 116 3.50 4.49 4.99
C PHE B 116 4.21 5.51 5.86
N SER B 117 5.13 5.01 6.67
CA SER B 117 5.94 5.90 7.49
C SER B 117 7.37 5.36 7.54
N GLU B 118 7.95 5.15 6.36
CA GLU B 118 9.33 4.75 6.21
C GLU B 118 10.19 5.93 5.77
N VAL B 119 11.32 6.14 6.44
CA VAL B 119 12.30 7.11 5.98
C VAL B 119 12.99 6.60 4.72
N SER B 120 13.25 5.31 4.63
CA SER B 120 13.95 4.76 3.47
C SER B 120 13.57 3.31 3.31
N TYR B 121 13.08 2.94 2.14
CA TYR B 121 12.66 1.58 1.87
C TYR B 121 12.47 1.43 0.37
N TRP B 122 12.41 0.18 -0.08
CA TRP B 122 12.10 -0.12 -1.47
C TRP B 122 10.60 -0.05 -1.69
N LEU B 123 10.17 0.82 -2.59
CA LEU B 123 8.81 0.69 -3.07
C LEU B 123 8.69 -0.51 -4.00
N VAL B 124 9.75 -0.78 -4.77
CA VAL B 124 9.88 -1.97 -5.60
C VAL B 124 11.33 -2.43 -5.47
N LYS B 125 11.51 -3.68 -5.02
CA LYS B 125 12.83 -4.14 -4.56
C LYS B 125 13.91 -3.99 -5.63
N ASN B 126 15.00 -3.32 -5.27
CA ASN B 126 16.14 -3.06 -6.15
C ASN B 126 15.77 -2.29 -7.40
N LYS B 127 14.58 -1.75 -7.49
CA LYS B 127 14.18 -1.00 -8.66
C LYS B 127 13.82 0.45 -8.36
N ILE B 128 13.07 0.70 -7.28
CA ILE B 128 12.57 2.03 -6.94
C ILE B 128 12.70 2.21 -5.43
N GLU B 129 13.48 3.19 -5.02
CA GLU B 129 13.67 3.51 -3.62
C GLU B 129 12.98 4.82 -3.27
N VAL B 130 12.44 4.90 -2.05
CA VAL B 130 11.88 6.11 -1.51
C VAL B 130 12.76 6.56 -0.36
N PHE B 131 13.02 7.86 -0.27
CA PHE B 131 13.97 8.39 0.70
C PHE B 131 13.50 9.75 1.18
N TYR B 132 13.73 10.03 2.45
CA TYR B 132 13.27 11.28 3.06
C TYR B 132 14.49 11.99 3.60
N PRO B 133 14.95 13.10 2.98
CA PRO B 133 16.18 13.75 3.42
C PRO B 133 15.98 14.75 4.54
N GLY B 134 14.73 15.04 4.90
CA GLY B 134 14.44 16.07 5.86
C GLY B 134 13.54 17.14 5.26
N PRO B 135 13.02 18.03 6.09
CA PRO B 135 12.14 19.09 5.57
C PRO B 135 12.92 20.05 4.66
N GLY B 136 12.25 20.50 3.61
CA GLY B 136 12.84 21.53 2.78
C GLY B 136 11.79 22.44 2.19
N HIS B 137 11.49 22.20 0.91
CA HIS B 137 10.33 22.82 0.25
C HIS B 137 9.05 22.61 1.03
N THR B 138 8.84 21.42 1.61
CA THR B 138 7.79 21.21 2.59
C THR B 138 8.34 20.37 3.73
N GLN B 139 7.49 20.14 4.73
CA GLN B 139 7.85 19.31 5.86
C GLN B 139 7.88 17.82 5.52
N ASP B 140 7.15 17.39 4.50
CA ASP B 140 7.03 15.99 4.15
C ASP B 140 7.71 15.60 2.84
N ASN B 141 8.48 16.50 2.22
CA ASN B 141 8.98 16.20 0.88
C ASN B 141 9.91 15.00 0.90
N LEU B 142 9.80 14.14 -0.12
CA LEU B 142 10.69 13.00 -0.24
C LEU B 142 11.08 12.81 -1.70
N VAL B 143 12.08 11.97 -1.91
CA VAL B 143 12.66 11.73 -3.23
C VAL B 143 12.45 10.26 -3.61
N VAL B 144 12.71 9.96 -4.87
CA VAL B 144 12.57 8.63 -5.43
C VAL B 144 13.84 8.32 -6.21
N TRP B 145 14.53 7.25 -5.84
CA TRP B 145 15.80 6.88 -6.44
C TRP B 145 15.61 5.61 -7.26
N LEU B 146 16.14 5.60 -8.47
CA LEU B 146 16.12 4.40 -9.30
C LEU B 146 17.55 3.90 -9.42
N PRO B 147 17.91 2.82 -8.72
CA PRO B 147 19.33 2.43 -8.65
C PRO B 147 19.89 1.92 -9.96
N GLU B 148 19.08 1.26 -10.78
CA GLU B 148 19.61 0.72 -12.02
C GLU B 148 20.00 1.83 -12.99
N SER B 149 19.22 2.91 -13.03
CA SER B 149 19.47 4.03 -13.92
C SER B 149 20.27 5.14 -13.28
N LYS B 150 20.58 5.05 -11.99
CA LYS B 150 21.25 6.14 -11.28
C LYS B 150 20.50 7.46 -11.50
N ILE B 151 19.17 7.40 -11.45
CA ILE B 151 18.31 8.55 -11.69
C ILE B 151 17.63 8.93 -10.40
N LEU B 152 17.75 10.20 -10.02
CA LEU B 152 17.04 10.71 -8.86
C LEU B 152 15.92 11.65 -9.31
N PHE B 153 14.70 11.42 -8.83
CA PHE B 153 13.60 12.38 -8.98
C PHE B 153 13.42 13.11 -7.65
N GLY B 154 13.55 14.43 -7.66
CA GLY B 154 13.58 15.14 -6.40
C GLY B 154 12.37 16.00 -6.14
N GLY B 155 11.40 15.96 -7.04
CA GLY B 155 10.21 16.76 -6.84
C GLY B 155 10.52 18.23 -6.76
N CYS B 156 9.83 18.90 -5.84
CA CYS B 156 9.99 20.33 -5.58
C CYS B 156 11.07 20.60 -4.54
N PHE B 157 11.72 19.56 -4.03
CA PHE B 157 12.89 19.76 -3.18
C PHE B 157 14.11 20.24 -3.98
N ILE B 158 14.17 19.91 -5.27
CA ILE B 158 15.30 20.28 -6.12
C ILE B 158 15.01 21.64 -6.72
N LYS B 159 15.72 22.66 -6.26
CA LYS B 159 15.47 24.05 -6.66
C LYS B 159 16.80 24.72 -6.96
N PRO B 160 17.40 24.46 -8.12
CA PRO B 160 18.73 25.01 -8.40
C PRO B 160 18.74 26.49 -8.80
N HIS B 161 17.60 27.09 -9.13
CA HIS B 161 17.55 28.45 -9.68
C HIS B 161 16.61 29.36 -8.90
N GLY B 162 16.35 29.08 -7.63
CA GLY B 162 15.33 29.78 -6.88
C GLY B 162 14.45 28.74 -6.21
N LEU B 163 13.93 29.09 -5.04
CA LEU B 163 13.27 28.12 -4.16
C LEU B 163 11.77 27.98 -4.42
N GLY B 164 11.16 28.91 -5.17
CA GLY B 164 9.75 28.80 -5.47
C GLY B 164 8.87 29.15 -4.28
N ASN B 165 7.67 28.55 -4.27
CA ASN B 165 6.69 28.86 -3.23
C ASN B 165 7.19 28.43 -1.86
N LEU B 166 7.34 29.38 -0.94
CA LEU B 166 7.85 29.10 0.40
C LEU B 166 6.77 29.06 1.46
N GLY B 167 5.50 29.13 1.07
CA GLY B 167 4.43 29.19 2.05
C GLY B 167 4.45 28.04 3.04
N ASP B 168 4.87 26.86 2.61
CA ASP B 168 4.90 25.69 3.47
C ASP B 168 6.31 25.20 3.74
N ALA B 169 7.32 25.96 3.33
CA ALA B 169 8.70 25.54 3.39
C ALA B 169 9.27 25.65 4.81
N ASN B 170 10.39 24.97 5.03
CA ASN B 170 11.13 24.99 6.28
C ASN B 170 12.52 25.47 5.90
N LEU B 171 12.71 26.79 5.91
CA LEU B 171 13.97 27.36 5.45
C LEU B 171 15.15 26.96 6.34
N GLU B 172 14.90 26.75 7.64
CA GLU B 172 16.01 26.44 8.55
C GLU B 172 16.60 25.07 8.28
N ALA B 173 15.75 24.09 7.95
CA ALA B 173 16.20 22.72 7.78
C ALA B 173 16.67 22.45 6.36
N TRP B 174 16.09 23.15 5.38
CA TRP B 174 16.41 22.88 3.98
C TRP B 174 17.90 22.77 3.68
N PRO B 175 18.79 23.63 4.20
CA PRO B 175 20.21 23.40 3.92
C PRO B 175 20.70 22.07 4.45
N LYS B 176 20.30 21.71 5.67
CA LYS B 176 20.71 20.43 6.26
C LYS B 176 20.19 19.26 5.44
N SER B 177 18.93 19.32 5.02
CA SER B 177 18.37 18.25 4.19
C SER B 177 19.07 18.16 2.84
N ALA B 178 19.46 19.31 2.27
CA ALA B 178 20.09 19.29 0.96
C ALA B 178 21.40 18.51 0.98
N LYS B 179 22.23 18.74 2.01
CA LYS B 179 23.50 18.02 2.05
C LYS B 179 23.30 16.54 2.37
N ILE B 180 22.31 16.21 3.20
CA ILE B 180 21.98 14.80 3.42
C ILE B 180 21.67 14.14 2.09
N LEU B 181 20.85 14.79 1.28
CA LEU B 181 20.55 14.28 -0.05
C LEU B 181 21.82 14.15 -0.88
N MET B 182 22.75 15.08 -0.71
CA MET B 182 23.96 15.07 -1.53
C MET B 182 24.90 13.95 -1.10
N SER B 183 25.04 13.72 0.21
CA SER B 183 25.75 12.55 0.70
C SER B 183 25.27 11.27 0.04
N LYS B 184 23.97 11.01 0.09
CA LYS B 184 23.44 9.71 -0.32
C LYS B 184 23.55 9.51 -1.82
N TYR B 185 23.17 10.52 -2.61
CA TYR B 185 22.96 10.34 -4.04
C TYR B 185 23.96 11.14 -4.88
N GLY B 186 25.19 11.26 -4.37
CA GLY B 186 26.21 11.97 -5.12
C GLY B 186 26.56 11.33 -6.45
N LYS B 187 26.45 10.00 -6.56
CA LYS B 187 26.74 9.31 -7.80
C LYS B 187 25.56 9.27 -8.76
N ALA B 188 24.53 10.10 -8.55
CA ALA B 188 23.39 10.13 -9.46
C ALA B 188 23.84 10.63 -10.83
N LYS B 189 23.52 9.87 -11.88
CA LYS B 189 23.86 10.32 -13.22
C LYS B 189 22.93 11.43 -13.67
N LEU B 190 21.66 11.35 -13.30
CA LEU B 190 20.65 12.30 -13.73
C LEU B 190 19.77 12.68 -12.54
N VAL B 191 19.40 13.95 -12.48
CA VAL B 191 18.54 14.49 -11.42
C VAL B 191 17.36 15.17 -12.09
N VAL B 192 16.15 14.62 -11.89
CA VAL B 192 14.92 15.18 -12.44
C VAL B 192 14.19 15.91 -11.34
N SER B 193 13.82 17.16 -11.59
CA SER B 193 13.15 18.01 -10.63
C SER B 193 11.74 18.30 -11.07
N SER B 194 10.95 18.87 -10.15
CA SER B 194 9.58 19.27 -10.48
C SER B 194 9.55 20.28 -11.60
N HIS B 195 10.43 21.29 -11.55
CA HIS B 195 10.26 22.48 -12.37
C HIS B 195 11.47 22.93 -13.18
N SER B 196 12.67 22.41 -12.92
CA SER B 196 13.86 22.78 -13.66
C SER B 196 14.16 21.77 -14.78
N GLU B 197 14.99 22.19 -15.71
CA GLU B 197 15.49 21.22 -16.70
C GLU B 197 16.33 20.17 -16.01
N LYS B 198 16.29 18.96 -16.56
CA LYS B 198 17.04 17.86 -15.96
C LYS B 198 18.53 18.16 -16.00
N GLY B 199 19.27 17.56 -15.06
CA GLY B 199 20.68 17.84 -14.96
C GLY B 199 21.39 16.73 -14.22
N ASP B 200 22.64 16.98 -13.84
CA ASP B 200 23.47 15.98 -13.21
C ASP B 200 23.50 16.22 -11.70
N ALA B 201 24.36 15.47 -11.01
CA ALA B 201 24.41 15.53 -9.55
C ALA B 201 24.59 16.94 -9.02
N SER B 202 25.09 17.87 -9.84
CA SER B 202 25.35 19.24 -9.38
C SER B 202 24.08 19.98 -8.99
N LEU B 203 22.93 19.63 -9.58
CA LEU B 203 21.66 20.22 -9.16
C LEU B 203 21.41 20.06 -7.67
N MET B 204 22.11 19.14 -7.02
CA MET B 204 21.99 19.00 -5.58
C MET B 204 22.79 20.07 -4.86
N LYS B 205 24.04 20.30 -5.32
CA LYS B 205 24.84 21.38 -4.74
C LYS B 205 24.18 22.73 -4.98
N ARG B 206 23.64 22.95 -6.18
CA ARG B 206 22.95 24.20 -6.46
C ARG B 206 21.77 24.39 -5.52
N THR B 207 20.97 23.34 -5.29
CA THR B 207 19.87 23.41 -4.33
C THR B 207 20.38 23.75 -2.93
N TRP B 208 21.47 23.10 -2.51
CA TRP B 208 22.09 23.45 -1.24
C TRP B 208 22.38 24.94 -1.17
N GLU B 209 23.04 25.47 -2.20
CA GLU B 209 23.35 26.89 -2.21
C GLU B 209 22.08 27.73 -2.18
N GLN B 210 21.11 27.38 -3.04
CA GLN B 210 19.89 28.16 -3.09
C GLN B 210 19.14 28.15 -1.76
N ALA B 211 19.25 27.07 -0.99
CA ALA B 211 18.57 27.03 0.30
C ALA B 211 19.29 27.91 1.31
N LEU B 212 20.63 27.97 1.25
CA LEU B 212 21.37 28.88 2.11
C LEU B 212 21.04 30.33 1.76
N LYS B 213 21.08 30.65 0.47
CA LYS B 213 20.73 31.99 0.03
C LYS B 213 19.31 32.35 0.45
N GLY B 214 18.37 31.42 0.25
CA GLY B 214 16.99 31.71 0.61
C GLY B 214 16.81 31.93 2.09
N LEU B 215 17.59 31.22 2.90
CA LEU B 215 17.52 31.42 4.34
C LEU B 215 18.10 32.76 4.76
N LYS B 216 19.26 33.13 4.20
CA LYS B 216 19.80 34.46 4.44
C LYS B 216 18.90 35.55 3.87
N GLU B 217 18.07 35.20 2.89
CA GLU B 217 16.96 36.02 2.43
C GLU B 217 17.41 37.25 1.69
#